data_7N0U
#
_entry.id   7N0U
#
_cell.length_a   140.766
_cell.length_b   140.766
_cell.length_c   94.294
_cell.angle_alpha   90.000
_cell.angle_beta   90.000
_cell.angle_gamma   120.000
#
_symmetry.space_group_name_H-M   'P 31 2 1'
#
loop_
_entity.id
_entity.type
_entity.pdbx_description
1 polymer 'REGN5713 Fab fragment heavy chain'
2 polymer 'REGN5713 Fab fragment light chain'
3 polymer 'Recombinant Bet v 1'
4 non-polymer 'SULFATE ION'
5 non-polymer 2-acetamido-2-deoxy-beta-D-glucopyranose
6 water water
#
loop_
_entity_poly.entity_id
_entity_poly.type
_entity_poly.pdbx_seq_one_letter_code
_entity_poly.pdbx_strand_id
1 'polypeptide(L)'
;QVQLQESGPGLVKPSETLSLTCSVSGGSITNYFWTWIRQSPGKGLEWIGYIYYSGGTNYNPSLKSRVTISIDTSKNQFSL
NMNSVTAADTAVYYCAGSYYYGVDVWGQGTTVTVSSASTKGPSVFPLAPCSRSTSESTAALGCLVKDYFPEPVTVSWNSG
ALTSGVHTFPAVLQSSGLYSLSSVVTVPSSSLGTKTYTCNVDHKPSNTKVDKRVESKYGPP
;
H
2 'polypeptide(L)'
;EIVLTQSPATLSLSPGERATLSCRASQSIKSFLAWYRQKPGQAPRLLIYDASNRPTGIPARFSGSGSGTDFTLTINSLES
EDFAVYFCQQRNNWPFTFGPGTKVDIKRTVAAPSVFIFPPSDEQLKSGTASVVCLLNNFYPREAKVQWKVDNALQSGNSQ
ESVTEQDSKDSTYSLSSTLTLSKADYEKHKVYACEVTHQGLSSPVTKSFNRGEC
;
L
3 'polypeptide(L)'
;GVFNYETETTSVIPAARLFKAFILDGDNLFPKVAPQAISSVENIEGNGGPGTIKKISFPEGLPFKYVKDRVDEVDHTNFK
YNYSVIEGGPIGDTLEKISNEIKIVATPDGGSILKISNKYHTKGDHEVKAEQVKASKEMGETLLRAVESYLLAHSDAYNE
QKLISEEDLGGEQKLISEEDLHHHHHH
;
C
#
loop_
_chem_comp.id
_chem_comp.type
_chem_comp.name
_chem_comp.formula
NAG D-saccharide, beta linking 2-acetamido-2-deoxy-beta-D-glucopyranose 'C8 H15 N O6'
SO4 non-polymer 'SULFATE ION' 'O4 S -2'
#
# COMPACT_ATOMS: atom_id res chain seq x y z
N VAL A 2 0.36 -16.60 -0.13
CA VAL A 2 1.18 -15.87 -1.10
C VAL A 2 1.99 -14.79 -0.38
N GLN A 3 3.28 -14.71 -0.73
CA GLN A 3 4.23 -13.87 -0.02
C GLN A 3 4.97 -12.97 -1.00
N LEU A 4 5.22 -11.73 -0.58
CA LEU A 4 5.97 -10.76 -1.38
C LEU A 4 7.00 -10.09 -0.50
N GLN A 5 8.24 -9.99 -0.99
CA GLN A 5 9.32 -9.32 -0.27
C GLN A 5 9.99 -8.30 -1.18
N GLU A 6 10.00 -7.05 -0.75
CA GLU A 6 10.74 -6.02 -1.46
C GLU A 6 12.23 -6.19 -1.26
N SER A 7 12.99 -5.72 -2.25
CA SER A 7 14.44 -5.65 -2.13
C SER A 7 14.92 -4.59 -3.11
N GLY A 8 15.58 -3.56 -2.60
CA GLY A 8 16.06 -2.48 -3.42
C GLY A 8 16.70 -1.38 -2.61
N PRO A 9 17.47 -0.52 -3.26
CA PRO A 9 18.16 0.55 -2.53
C PRO A 9 17.17 1.49 -1.86
N GLY A 10 17.45 1.83 -0.61
CA GLY A 10 16.68 2.83 0.10
C GLY A 10 17.11 4.25 -0.13
N LEU A 11 18.23 4.45 -0.82
CA LEU A 11 18.76 5.77 -1.13
C LEU A 11 19.10 5.82 -2.61
N VAL A 12 18.49 6.78 -3.31
CA VAL A 12 18.74 6.99 -4.75
C VAL A 12 19.08 8.46 -4.95
N LYS A 13 20.15 8.71 -5.71
CA LYS A 13 20.54 10.11 -5.86
C LYS A 13 19.77 10.77 -7.00
N PRO A 14 19.54 12.08 -6.91
CA PRO A 14 18.64 12.75 -7.87
C PRO A 14 19.11 12.58 -9.31
N SER A 15 18.13 12.37 -10.20
CA SER A 15 18.26 12.14 -11.64
C SER A 15 18.79 10.75 -11.97
N GLU A 16 19.15 9.94 -10.97
CA GLU A 16 19.53 8.56 -11.22
C GLU A 16 18.27 7.70 -11.27
N THR A 17 18.43 6.38 -11.33
CA THR A 17 17.33 5.47 -11.60
C THR A 17 16.98 4.70 -10.33
N LEU A 18 15.71 4.80 -9.93
CA LEU A 18 15.14 3.92 -8.92
C LEU A 18 14.98 2.51 -9.49
N SER A 19 15.37 1.51 -8.72
CA SER A 19 15.23 0.12 -9.15
C SER A 19 14.78 -0.73 -7.97
N LEU A 20 13.63 -1.37 -8.10
CA LEU A 20 13.11 -2.24 -7.06
C LEU A 20 12.67 -3.57 -7.66
N THR A 21 12.78 -4.63 -6.87
CA THR A 21 12.40 -5.97 -7.28
C THR A 21 11.58 -6.60 -6.17
N CYS A 22 10.60 -7.43 -6.56
CA CYS A 22 9.70 -8.08 -5.62
C CYS A 22 9.66 -9.57 -5.93
N SER A 23 9.84 -10.39 -4.89
CA SER A 23 9.88 -11.84 -5.03
C SER A 23 8.56 -12.45 -4.59
N VAL A 24 7.98 -13.29 -5.46
CA VAL A 24 6.71 -13.93 -5.19
C VAL A 24 6.97 -15.35 -4.71
N SER A 25 6.34 -15.73 -3.60
CA SER A 25 6.46 -17.08 -3.07
C SER A 25 5.14 -17.46 -2.39
N GLY A 26 4.94 -18.77 -2.26
CA GLY A 26 3.69 -19.26 -1.69
C GLY A 26 2.52 -19.18 -2.64
N GLY A 27 2.77 -19.04 -3.92
CA GLY A 27 1.71 -18.93 -4.90
C GLY A 27 2.30 -18.70 -6.27
N SER A 28 1.51 -19.04 -7.29
CA SER A 28 1.99 -18.98 -8.65
C SER A 28 2.05 -17.54 -9.14
N ILE A 29 2.92 -17.31 -10.12
CA ILE A 29 3.04 -16.00 -10.77
C ILE A 29 1.82 -15.67 -11.60
N THR A 30 0.90 -16.61 -11.79
CA THR A 30 -0.30 -16.42 -12.60
C THR A 30 -1.44 -15.78 -11.82
N ASN A 31 -1.36 -15.70 -10.50
CA ASN A 31 -2.55 -15.43 -9.69
C ASN A 31 -3.01 -13.98 -9.79
N TYR A 32 -2.09 -13.03 -9.80
CA TYR A 32 -2.45 -11.63 -9.58
C TYR A 32 -1.97 -10.74 -10.72
N PHE A 33 -2.53 -9.54 -10.75
CA PHE A 33 -1.94 -8.42 -11.46
C PHE A 33 -0.84 -7.84 -10.57
N TRP A 34 0.41 -8.01 -10.98
CA TRP A 34 1.53 -7.61 -10.14
C TRP A 34 1.70 -6.10 -10.18
N THR A 35 1.69 -5.47 -9.01
CA THR A 35 1.37 -4.06 -8.84
C THR A 35 2.47 -3.35 -8.06
N TRP A 36 2.73 -2.11 -8.44
CA TRP A 36 3.61 -1.21 -7.68
C TRP A 36 2.79 -0.02 -7.22
N ILE A 37 2.82 0.26 -5.91
CA ILE A 37 2.12 1.38 -5.31
C ILE A 37 3.06 2.07 -4.34
N ARG A 38 3.07 3.40 -4.36
CA ARG A 38 3.89 4.18 -3.45
C ARG A 38 3.01 5.06 -2.58
N GLN A 39 3.57 5.43 -1.42
CA GLN A 39 2.84 6.21 -0.42
C GLN A 39 3.77 7.28 0.13
N SER A 40 3.44 8.55 -0.14
CA SER A 40 4.22 9.68 0.33
C SER A 40 3.31 10.64 1.08
N PRO A 41 3.84 11.35 2.08
CA PRO A 41 3.01 12.30 2.84
C PRO A 41 2.38 13.36 1.96
N GLY A 42 3.11 13.87 0.97
CA GLY A 42 2.57 14.90 0.10
C GLY A 42 1.47 14.40 -0.82
N LYS A 43 1.65 13.20 -1.38
CA LYS A 43 0.77 12.71 -2.43
C LYS A 43 -0.15 11.57 -1.99
N GLY A 44 -0.02 11.07 -0.77
CA GLY A 44 -0.88 9.98 -0.34
C GLY A 44 -0.56 8.68 -1.05
N LEU A 45 -1.61 7.88 -1.28
CA LEU A 45 -1.46 6.59 -1.96
C LEU A 45 -1.58 6.77 -3.46
N GLU A 46 -0.57 6.29 -4.19
CA GLU A 46 -0.43 6.58 -5.61
C GLU A 46 -0.17 5.28 -6.37
N TRP A 47 -0.96 5.05 -7.42
CA TRP A 47 -0.78 3.86 -8.26
C TRP A 47 0.34 4.12 -9.26
N ILE A 48 1.40 3.31 -9.20
CA ILE A 48 2.48 3.45 -10.16
C ILE A 48 2.17 2.69 -11.44
N GLY A 49 1.75 1.43 -11.30
CA GLY A 49 1.42 0.64 -12.46
C GLY A 49 1.28 -0.82 -12.07
N TYR A 50 0.84 -1.61 -13.05
CA TYR A 50 0.69 -3.05 -12.82
C TYR A 50 0.96 -3.81 -14.11
N ILE A 51 1.45 -5.04 -13.95
CA ILE A 51 1.88 -5.89 -15.06
C ILE A 51 1.18 -7.24 -14.94
N TYR A 52 0.72 -7.76 -16.07
CA TYR A 52 0.24 -9.13 -16.13
C TYR A 52 1.41 -10.10 -16.22
N TYR A 53 1.14 -11.37 -15.96
CA TYR A 53 2.22 -12.34 -16.20
C TYR A 53 2.46 -12.57 -17.69
N SER A 54 1.65 -11.97 -18.56
CA SER A 54 1.85 -12.03 -20.00
C SER A 54 2.72 -10.90 -20.52
N GLY A 55 3.17 -10.01 -19.66
CA GLY A 55 4.03 -8.91 -20.03
C GLY A 55 3.32 -7.59 -20.25
N GLY A 56 2.00 -7.61 -20.43
CA GLY A 56 1.25 -6.39 -20.62
C GLY A 56 1.32 -5.46 -19.43
N THR A 57 1.86 -4.27 -19.64
CA THR A 57 2.01 -3.27 -18.59
C THR A 57 0.90 -2.23 -18.67
N ASN A 58 0.81 -1.42 -17.63
CA ASN A 58 -0.15 -0.32 -17.58
C ASN A 58 0.39 0.70 -16.58
N TYR A 59 0.72 1.89 -17.06
CA TYR A 59 1.45 2.88 -16.27
C TYR A 59 0.59 4.11 -16.00
N ASN A 60 0.81 4.70 -14.83
CA ASN A 60 0.16 5.95 -14.48
C ASN A 60 0.66 7.07 -15.38
N PRO A 61 -0.22 7.83 -16.03
CA PRO A 61 0.25 8.88 -16.96
C PRO A 61 1.18 9.90 -16.33
N SER A 62 0.99 10.22 -15.04
CA SER A 62 1.91 11.15 -14.38
C SER A 62 3.31 10.57 -14.26
N LEU A 63 3.46 9.25 -14.37
CA LEU A 63 4.75 8.60 -14.27
C LEU A 63 5.11 7.74 -15.47
N LYS A 64 4.20 7.56 -16.44
CA LYS A 64 4.50 6.73 -17.60
C LYS A 64 5.69 7.27 -18.38
N SER A 65 5.96 8.57 -18.27
CA SER A 65 7.09 9.17 -18.95
C SER A 65 8.42 8.52 -18.58
N ARG A 66 8.55 8.05 -17.34
CA ARG A 66 9.85 7.58 -16.86
C ARG A 66 9.76 6.31 -16.01
N VAL A 67 8.76 5.47 -16.24
CA VAL A 67 8.57 4.25 -15.46
C VAL A 67 8.42 3.06 -16.40
N THR A 68 9.20 2.00 -16.13
CA THR A 68 9.06 0.73 -16.83
C THR A 68 8.95 -0.38 -15.78
N ILE A 69 7.97 -1.26 -15.97
CA ILE A 69 7.74 -2.39 -15.08
C ILE A 69 7.99 -3.67 -15.87
N SER A 70 8.84 -4.54 -15.34
CA SER A 70 9.23 -5.77 -16.01
C SER A 70 8.91 -6.97 -15.12
N ILE A 71 8.72 -8.12 -15.76
CA ILE A 71 8.43 -9.36 -15.06
C ILE A 71 9.33 -10.47 -15.62
N ASP A 72 9.74 -11.37 -14.74
CA ASP A 72 10.52 -12.55 -15.13
C ASP A 72 9.80 -13.75 -14.50
N THR A 73 8.92 -14.37 -15.27
CA THR A 73 8.08 -15.44 -14.75
C THR A 73 8.88 -16.67 -14.30
N SER A 74 10.10 -16.84 -14.83
CA SER A 74 10.89 -18.01 -14.47
C SER A 74 11.48 -17.89 -13.06
N LYS A 75 11.98 -16.71 -12.68
CA LYS A 75 12.48 -16.47 -11.34
C LYS A 75 11.37 -16.06 -10.38
N ASN A 76 10.12 -15.97 -10.85
CA ASN A 76 8.98 -15.55 -10.04
C ASN A 76 9.24 -14.17 -9.44
N GLN A 77 9.63 -13.23 -10.29
CA GLN A 77 9.98 -11.88 -9.86
C GLN A 77 9.36 -10.87 -10.82
N PHE A 78 9.14 -9.67 -10.30
CA PHE A 78 8.80 -8.52 -11.14
C PHE A 78 9.50 -7.30 -10.55
N SER A 79 9.73 -6.31 -11.40
CA SER A 79 10.60 -5.20 -11.06
C SER A 79 9.96 -3.86 -11.40
N LEU A 80 10.45 -2.81 -10.75
CA LEU A 80 10.09 -1.43 -11.05
C LEU A 80 11.36 -0.64 -11.34
N ASN A 81 11.32 0.17 -12.40
CA ASN A 81 12.45 1.01 -12.78
C ASN A 81 11.93 2.42 -13.05
N MET A 82 12.23 3.35 -12.15
CA MET A 82 11.86 4.75 -12.29
C MET A 82 13.15 5.56 -12.37
N ASN A 83 13.41 6.17 -13.52
CA ASN A 83 14.61 6.95 -13.72
C ASN A 83 14.31 8.45 -13.64
N SER A 84 15.38 9.23 -13.50
CA SER A 84 15.28 10.68 -13.31
C SER A 84 14.44 11.02 -12.08
N VAL A 85 14.77 10.38 -10.96
CA VAL A 85 14.04 10.56 -9.73
C VAL A 85 14.45 11.87 -9.06
N THR A 86 13.49 12.54 -8.45
CA THR A 86 13.72 13.76 -7.68
C THR A 86 13.15 13.57 -6.28
N ALA A 87 13.22 14.64 -5.47
CA ALA A 87 12.72 14.57 -4.10
C ALA A 87 11.23 14.28 -4.06
N ALA A 88 10.49 14.62 -5.12
CA ALA A 88 9.07 14.31 -5.23
C ALA A 88 8.80 12.83 -5.46
N ASP A 89 9.85 12.00 -5.43
CA ASP A 89 9.72 10.55 -5.53
C ASP A 89 10.08 9.85 -4.24
N THR A 90 10.44 10.60 -3.19
CA THR A 90 10.71 10.02 -1.88
C THR A 90 9.41 9.51 -1.28
N ALA A 91 9.27 8.19 -1.17
CA ALA A 91 8.04 7.61 -0.66
C ALA A 91 8.33 6.17 -0.24
N VAL A 92 7.39 5.61 0.51
CA VAL A 92 7.39 4.17 0.79
C VAL A 92 6.76 3.47 -0.40
N TYR A 93 7.48 2.52 -0.99
CA TYR A 93 7.03 1.83 -2.18
C TYR A 93 6.56 0.43 -1.79
N TYR A 94 5.35 0.07 -2.22
CA TYR A 94 4.77 -1.24 -1.96
C TYR A 94 4.69 -2.00 -3.27
N CYS A 95 5.31 -3.19 -3.32
CA CYS A 95 4.99 -4.14 -4.36
C CYS A 95 3.81 -4.98 -3.89
N ALA A 96 2.92 -5.33 -4.81
CA ALA A 96 1.68 -5.97 -4.39
C ALA A 96 1.10 -6.78 -5.54
N GLY A 97 0.16 -7.64 -5.19
CA GLY A 97 -0.57 -8.43 -6.16
C GLY A 97 -2.05 -8.11 -6.11
N SER A 98 -2.65 -7.82 -7.27
CA SER A 98 -4.02 -7.34 -7.33
C SER A 98 -4.89 -8.31 -8.12
N TYR A 99 -6.11 -8.50 -7.64
CA TYR A 99 -7.16 -9.12 -8.44
C TYR A 99 -7.78 -8.04 -9.32
N TYR A 100 -8.81 -8.42 -10.08
CA TYR A 100 -9.51 -7.42 -10.88
C TYR A 100 -10.17 -6.35 -10.03
N TYR A 101 -10.45 -6.65 -8.75
CA TYR A 101 -11.24 -5.78 -7.91
C TYR A 101 -10.42 -4.88 -6.99
N GLY A 102 -9.14 -5.17 -6.82
CA GLY A 102 -8.31 -4.38 -5.94
C GLY A 102 -7.08 -5.16 -5.53
N VAL A 103 -6.26 -4.51 -4.71
CA VAL A 103 -5.03 -5.11 -4.23
C VAL A 103 -5.36 -6.10 -3.13
N ASP A 104 -5.00 -7.37 -3.35
CA ASP A 104 -5.36 -8.45 -2.42
C ASP A 104 -4.23 -8.79 -1.45
N VAL A 105 -2.98 -8.76 -1.91
CA VAL A 105 -1.83 -9.06 -1.05
C VAL A 105 -0.76 -8.01 -1.30
N TRP A 106 -0.02 -7.67 -0.24
CA TRP A 106 0.92 -6.57 -0.27
C TRP A 106 2.29 -7.02 0.21
N GLY A 107 3.32 -6.31 -0.24
CA GLY A 107 4.64 -6.46 0.33
C GLY A 107 4.81 -5.63 1.59
N GLN A 108 5.97 -5.79 2.23
CA GLN A 108 6.23 -5.09 3.48
C GLN A 108 6.35 -3.58 3.26
N GLY A 109 6.76 -3.16 2.07
CA GLY A 109 7.03 -1.76 1.83
C GLY A 109 8.49 -1.43 2.12
N THR A 110 9.13 -0.76 1.16
CA THR A 110 10.51 -0.32 1.31
C THR A 110 10.57 1.19 1.13
N THR A 111 11.29 1.86 2.04
CA THR A 111 11.33 3.32 2.07
C THR A 111 12.48 3.80 1.19
N VAL A 112 12.15 4.51 0.11
CA VAL A 112 13.13 5.10 -0.78
C VAL A 112 13.25 6.58 -0.48
N THR A 113 14.46 7.03 -0.19
CA THR A 113 14.76 8.44 0.01
C THR A 113 15.60 8.92 -1.16
N VAL A 114 15.13 9.95 -1.86
CA VAL A 114 15.91 10.58 -2.92
C VAL A 114 16.66 11.74 -2.29
N SER A 115 17.99 11.64 -2.25
CA SER A 115 18.81 12.64 -1.60
C SER A 115 20.17 12.70 -2.27
N SER A 116 20.81 13.87 -2.18
CA SER A 116 22.18 14.03 -2.63
C SER A 116 23.19 13.58 -1.60
N ALA A 117 22.74 13.26 -0.39
CA ALA A 117 23.62 12.94 0.73
C ALA A 117 23.96 11.46 0.77
N SER A 118 24.99 11.14 1.53
CA SER A 118 25.42 9.76 1.74
C SER A 118 24.78 9.20 3.01
N THR A 119 24.94 7.89 3.18
CA THR A 119 24.36 7.19 4.32
C THR A 119 25.21 7.40 5.57
N LYS A 120 24.54 7.53 6.71
CA LYS A 120 25.21 7.47 8.01
C LYS A 120 24.46 6.46 8.88
N GLY A 121 25.18 5.46 9.36
CA GLY A 121 24.62 4.50 10.28
C GLY A 121 24.40 5.15 11.64
N PRO A 122 23.57 4.54 12.47
CA PRO A 122 23.19 5.16 13.73
C PRO A 122 24.20 4.90 14.84
N SER A 123 24.07 5.70 15.89
CA SER A 123 24.76 5.46 17.15
C SER A 123 23.73 5.02 18.18
N VAL A 124 23.96 3.87 18.79
CA VAL A 124 22.98 3.24 19.68
C VAL A 124 23.52 3.30 21.10
N PHE A 125 22.73 3.87 22.01
CA PHE A 125 23.10 4.07 23.40
C PHE A 125 22.03 3.49 24.30
N PRO A 126 22.41 2.93 25.45
CA PRO A 126 21.42 2.31 26.34
C PRO A 126 20.66 3.33 27.17
N LEU A 127 19.38 3.03 27.38
CA LEU A 127 18.53 3.80 28.27
C LEU A 127 18.18 2.92 29.47
N ALA A 128 18.63 3.33 30.66
CA ALA A 128 18.46 2.55 31.88
C ALA A 128 18.33 3.48 33.06
N PRO A 129 17.67 3.06 34.14
CA PRO A 129 17.51 3.94 35.31
C PRO A 129 18.78 4.07 36.14
N CYS A 130 18.68 4.75 37.28
CA CYS A 130 19.84 4.98 38.13
C CYS A 130 19.92 3.97 39.26
N SER A 137 7.52 -0.76 41.03
CA SER A 137 7.20 -2.15 40.72
C SER A 137 7.39 -2.42 39.24
N THR A 138 6.93 -1.49 38.41
CA THR A 138 7.17 -1.56 36.97
C THR A 138 8.40 -0.73 36.63
N ALA A 139 9.21 -1.26 35.69
CA ALA A 139 10.44 -0.61 35.29
C ALA A 139 10.54 -0.63 33.76
N ALA A 140 11.13 0.43 33.22
CA ALA A 140 11.28 0.57 31.77
C ALA A 140 12.75 0.61 31.37
N LEU A 141 13.03 0.08 30.19
CA LEU A 141 14.35 0.07 29.60
C LEU A 141 14.22 0.57 28.17
N GLY A 142 15.34 0.94 27.57
CA GLY A 142 15.25 1.49 26.23
C GLY A 142 16.60 1.60 25.54
N CYS A 143 16.52 1.99 24.27
CA CYS A 143 17.69 2.28 23.44
C CYS A 143 17.42 3.55 22.66
N LEU A 144 18.47 4.33 22.44
CA LEU A 144 18.37 5.59 21.70
C LEU A 144 19.13 5.44 20.38
N VAL A 145 18.38 5.40 19.28
CA VAL A 145 18.96 5.28 17.94
C VAL A 145 19.14 6.70 17.40
N LYS A 146 20.36 7.20 17.46
CA LYS A 146 20.65 8.61 17.24
C LYS A 146 21.46 8.81 15.97
N ASP A 147 21.18 9.89 15.24
CA ASP A 147 22.03 10.39 14.17
C ASP A 147 22.22 9.35 13.05
N TYR A 148 21.13 9.08 12.35
CA TYR A 148 21.18 8.20 11.17
C TYR A 148 20.47 8.85 9.99
N PHE A 149 20.78 8.34 8.79
CA PHE A 149 20.19 8.77 7.53
C PHE A 149 20.55 7.76 6.44
N PRO A 150 19.62 7.43 5.53
CA PRO A 150 18.22 7.85 5.54
C PRO A 150 17.38 6.94 6.42
N GLU A 151 16.06 7.10 6.33
CA GLU A 151 15.16 6.18 7.01
C GLU A 151 15.02 4.91 6.17
N PRO A 152 14.61 3.79 6.78
CA PRO A 152 14.24 3.54 8.18
C PRO A 152 15.22 2.69 8.98
N VAL A 153 14.98 2.61 10.29
CA VAL A 153 15.64 1.66 11.17
C VAL A 153 14.57 0.81 11.82
N THR A 154 14.96 -0.39 12.24
CA THR A 154 14.05 -1.34 12.87
C THR A 154 14.66 -1.80 14.18
N VAL A 155 13.84 -1.84 15.23
CA VAL A 155 14.30 -2.19 16.56
C VAL A 155 13.48 -3.37 17.08
N SER A 156 14.19 -4.41 17.53
CA SER A 156 13.58 -5.54 18.20
C SER A 156 14.34 -5.80 19.49
N TRP A 157 13.65 -6.40 20.46
CA TRP A 157 14.19 -6.63 21.79
C TRP A 157 14.40 -8.12 22.02
N ASN A 158 15.62 -8.48 22.43
CA ASN A 158 15.98 -9.88 22.71
C ASN A 158 15.66 -10.79 21.54
N SER A 159 16.13 -10.38 20.35
CA SER A 159 15.97 -11.17 19.12
C SER A 159 14.49 -11.48 18.85
N GLY A 160 13.63 -10.50 19.09
CA GLY A 160 12.22 -10.66 18.86
C GLY A 160 11.46 -11.42 19.94
N ALA A 161 12.14 -11.87 20.99
CA ALA A 161 11.45 -12.62 22.04
C ALA A 161 10.62 -11.69 22.93
N LEU A 162 11.11 -10.47 23.17
CA LEU A 162 10.40 -9.50 23.98
C LEU A 162 9.56 -8.61 23.08
N THR A 163 8.25 -8.84 23.06
CA THR A 163 7.33 -8.09 22.21
C THR A 163 6.27 -7.33 22.99
N SER A 164 5.86 -7.82 24.15
CA SER A 164 4.80 -7.17 24.92
C SER A 164 5.36 -5.97 25.69
N GLY A 165 4.69 -4.83 25.56
CA GLY A 165 5.13 -3.62 26.22
C GLY A 165 6.18 -2.82 25.50
N VAL A 166 6.47 -3.16 24.25
CA VAL A 166 7.49 -2.47 23.46
C VAL A 166 6.87 -1.23 22.82
N HIS A 167 7.57 -0.11 22.92
CA HIS A 167 7.20 1.12 22.20
C HIS A 167 8.42 1.64 21.46
N THR A 168 8.37 1.58 20.13
CA THR A 168 9.40 2.18 19.28
C THR A 168 8.79 3.42 18.64
N PHE A 169 9.39 4.57 18.89
CA PHE A 169 8.76 5.83 18.57
C PHE A 169 8.99 6.23 17.12
N PRO A 170 8.15 7.09 16.57
CA PRO A 170 8.45 7.69 15.27
C PRO A 170 9.76 8.43 15.32
N ALA A 171 10.53 8.35 14.24
CA ALA A 171 11.78 9.08 14.17
C ALA A 171 11.51 10.57 14.10
N VAL A 172 12.39 11.35 14.74
CA VAL A 172 12.31 12.80 14.73
C VAL A 172 13.51 13.34 13.97
N LEU A 173 13.26 14.27 13.06
CA LEU A 173 14.33 14.93 12.35
C LEU A 173 14.99 15.95 13.28
N GLN A 174 16.28 15.75 13.55
CA GLN A 174 16.99 16.73 14.35
C GLN A 174 17.48 17.89 13.48
N SER A 175 17.86 18.98 14.14
CA SER A 175 18.36 20.15 13.42
C SER A 175 19.65 19.85 12.67
N SER A 176 20.35 18.77 13.04
CA SER A 176 21.57 18.38 12.34
C SER A 176 21.31 17.83 10.95
N GLY A 177 20.05 17.59 10.58
CA GLY A 177 19.71 16.97 9.32
C GLY A 177 19.64 15.46 9.36
N LEU A 178 20.04 14.84 10.46
CA LEU A 178 19.96 13.40 10.64
C LEU A 178 18.74 13.04 11.47
N TYR A 179 18.26 11.81 11.32
CA TYR A 179 17.13 11.35 12.09
C TYR A 179 17.59 10.82 13.44
N SER A 180 16.62 10.65 14.34
CA SER A 180 16.88 10.11 15.66
C SER A 180 15.58 9.58 16.24
N LEU A 181 15.65 8.41 16.88
CA LEU A 181 14.50 7.86 17.57
C LEU A 181 14.98 7.06 18.78
N SER A 182 14.02 6.66 19.60
CA SER A 182 14.29 5.82 20.76
C SER A 182 13.21 4.76 20.85
N SER A 183 13.60 3.59 21.37
CA SER A 183 12.66 2.50 21.61
C SER A 183 12.73 2.10 23.08
N VAL A 184 11.57 1.85 23.67
CA VAL A 184 11.47 1.55 25.09
C VAL A 184 10.61 0.31 25.31
N VAL A 185 10.76 -0.27 26.49
CA VAL A 185 9.94 -1.41 26.93
C VAL A 185 9.83 -1.36 28.44
N THR A 186 8.68 -1.77 28.96
CA THR A 186 8.46 -1.88 30.39
C THR A 186 8.46 -3.35 30.80
N VAL A 187 9.03 -3.62 31.96
CA VAL A 187 9.26 -4.97 32.46
C VAL A 187 8.86 -4.96 33.95
N PRO A 188 8.77 -6.10 34.62
CA PRO A 188 8.68 -6.06 36.08
C PRO A 188 10.04 -5.76 36.71
N SER A 189 10.01 -5.02 37.81
CA SER A 189 11.23 -4.71 38.54
C SER A 189 11.89 -5.98 39.06
N SER A 190 11.10 -7.04 39.28
CA SER A 190 11.62 -8.27 39.85
C SER A 190 12.56 -8.99 38.90
N SER A 191 12.35 -8.88 37.58
CA SER A 191 13.14 -9.62 36.61
C SER A 191 14.31 -8.82 36.05
N LEU A 192 14.68 -7.71 36.71
CA LEU A 192 15.76 -6.86 36.19
C LEU A 192 17.09 -7.60 36.22
N GLY A 193 17.52 -8.03 37.42
CA GLY A 193 18.81 -8.68 37.55
C GLY A 193 18.85 -10.09 36.97
N THR A 194 17.69 -10.72 36.81
CA THR A 194 17.66 -12.11 36.35
C THR A 194 17.74 -12.21 34.83
N LYS A 195 16.77 -11.62 34.12
CA LYS A 195 16.70 -11.77 32.68
C LYS A 195 17.57 -10.72 31.98
N THR A 196 18.08 -11.10 30.82
CA THR A 196 18.94 -10.22 30.02
C THR A 196 18.10 -9.45 29.01
N TYR A 197 18.50 -8.19 28.78
CA TYR A 197 17.77 -7.30 27.88
C TYR A 197 18.72 -6.73 26.85
N THR A 198 18.36 -6.87 25.57
CA THR A 198 19.19 -6.43 24.46
C THR A 198 18.29 -5.95 23.33
N CYS A 199 18.60 -4.79 22.76
CA CYS A 199 17.86 -4.25 21.63
C CYS A 199 18.66 -4.45 20.35
N ASN A 200 17.96 -4.80 19.28
CA ASN A 200 18.57 -5.09 17.99
C ASN A 200 18.15 -4.00 17.00
N VAL A 201 19.11 -3.18 16.60
CA VAL A 201 18.87 -2.04 15.73
C VAL A 201 19.43 -2.37 14.35
N ASP A 202 18.56 -2.41 13.35
CA ASP A 202 18.94 -2.71 11.97
C ASP A 202 18.68 -1.49 11.10
N HIS A 203 19.75 -0.95 10.50
CA HIS A 203 19.67 0.17 9.57
C HIS A 203 20.19 -0.33 8.23
N LYS A 204 19.27 -0.87 7.41
CA LYS A 204 19.68 -1.50 6.16
C LYS A 204 20.39 -0.56 5.19
N PRO A 205 19.99 0.69 4.99
CA PRO A 205 20.72 1.55 4.05
C PRO A 205 22.21 1.66 4.34
N SER A 206 22.61 1.71 5.61
CA SER A 206 24.02 1.74 5.97
C SER A 206 24.58 0.34 6.24
N ASN A 207 23.78 -0.70 6.04
CA ASN A 207 24.19 -2.08 6.27
C ASN A 207 24.71 -2.26 7.70
N THR A 208 23.99 -1.69 8.66
CA THR A 208 24.41 -1.64 10.05
C THR A 208 23.45 -2.43 10.91
N LYS A 209 24.02 -3.30 11.76
CA LYS A 209 23.27 -4.02 12.79
C LYS A 209 24.02 -3.87 14.09
N VAL A 210 23.36 -3.31 15.11
CA VAL A 210 23.98 -3.03 16.40
C VAL A 210 23.12 -3.66 17.48
N ASP A 211 23.61 -4.75 18.08
CA ASP A 211 22.97 -5.37 19.23
C ASP A 211 23.53 -4.73 20.49
N LYS A 212 22.73 -3.92 21.16
CA LYS A 212 23.17 -3.15 22.33
C LYS A 212 22.50 -3.71 23.59
N ARG A 213 23.32 -4.02 24.58
CA ARG A 213 22.86 -4.66 25.80
C ARG A 213 22.57 -3.63 26.88
N VAL A 214 21.45 -3.82 27.58
CA VAL A 214 21.05 -2.95 28.68
C VAL A 214 20.79 -3.79 29.92
N GLU B 1 -7.29 12.33 -14.17
CA GLU B 1 -7.62 11.24 -13.26
C GLU B 1 -8.84 11.58 -12.41
N ILE B 2 -9.60 10.57 -12.02
CA ILE B 2 -10.77 10.78 -11.18
C ILE B 2 -10.33 11.05 -9.76
N VAL B 3 -10.86 12.12 -9.17
CA VAL B 3 -10.41 12.61 -7.87
C VAL B 3 -11.43 12.17 -6.82
N LEU B 4 -10.96 11.41 -5.83
CA LEU B 4 -11.81 10.94 -4.75
C LEU B 4 -11.66 11.85 -3.54
N THR B 5 -12.79 12.21 -2.95
CA THR B 5 -12.84 13.05 -1.75
C THR B 5 -13.44 12.24 -0.62
N GLN B 6 -12.81 12.29 0.55
CA GLN B 6 -13.25 11.53 1.72
C GLN B 6 -13.64 12.49 2.84
N SER B 7 -14.76 12.18 3.48
CA SER B 7 -15.34 13.02 4.53
C SER B 7 -15.83 12.14 5.66
N PRO B 8 -15.51 12.48 6.92
CA PRO B 8 -14.60 13.58 7.30
C PRO B 8 -13.15 13.14 7.30
N ALA B 9 -12.23 14.08 7.51
CA ALA B 9 -10.82 13.72 7.60
C ALA B 9 -10.54 12.88 8.85
N THR B 10 -11.14 13.25 9.97
CA THR B 10 -10.92 12.58 11.25
C THR B 10 -12.25 12.44 11.98
N LEU B 11 -12.51 11.25 12.52
CA LEU B 11 -13.64 11.06 13.43
C LEU B 11 -13.19 10.22 14.62
N SER B 12 -13.68 10.58 15.80
CA SER B 12 -13.26 10.01 17.08
C SER B 12 -14.46 9.36 17.74
N LEU B 13 -14.48 8.03 17.81
CA LEU B 13 -15.64 7.27 18.27
C LEU B 13 -15.23 6.29 19.37
N SER B 14 -16.14 6.09 20.31
CA SER B 14 -15.95 5.06 21.33
C SER B 14 -16.12 3.67 20.72
N PRO B 15 -15.47 2.65 21.30
CA PRO B 15 -15.73 1.27 20.86
C PRO B 15 -17.19 0.90 21.09
N GLY B 16 -17.74 0.13 20.15
CA GLY B 16 -19.12 -0.28 20.19
C GLY B 16 -20.05 0.60 19.37
N GLU B 17 -19.62 1.79 19.00
CA GLU B 17 -20.42 2.67 18.17
C GLU B 17 -20.28 2.28 16.70
N ARG B 18 -21.10 2.91 15.86
CA ARG B 18 -21.10 2.66 14.42
C ARG B 18 -20.33 3.76 13.72
N ALA B 19 -19.33 3.39 12.93
CA ALA B 19 -18.50 4.34 12.20
C ALA B 19 -18.99 4.43 10.76
N THR B 20 -19.23 5.65 10.29
CA THR B 20 -19.77 5.90 8.95
C THR B 20 -18.80 6.81 8.20
N LEU B 21 -18.02 6.24 7.30
CA LEU B 21 -17.06 6.97 6.49
C LEU B 21 -17.66 7.19 5.09
N SER B 22 -17.24 8.28 4.45
CA SER B 22 -17.81 8.68 3.18
C SER B 22 -16.72 8.87 2.14
N CYS B 23 -17.07 8.58 0.88
CA CYS B 23 -16.17 8.74 -0.26
C CYS B 23 -16.97 9.35 -1.42
N ARG B 24 -16.38 10.36 -2.06
CA ARG B 24 -17.04 11.08 -3.15
C ARG B 24 -16.11 11.16 -4.34
N ALA B 25 -16.64 10.91 -5.54
CA ALA B 25 -15.86 10.87 -6.76
C ALA B 25 -16.24 12.02 -7.68
N SER B 26 -15.23 12.64 -8.30
CA SER B 26 -15.46 13.78 -9.17
C SER B 26 -16.30 13.43 -10.39
N GLN B 27 -16.32 12.15 -10.78
CA GLN B 27 -17.16 11.66 -11.86
C GLN B 27 -17.87 10.41 -11.38
N SER B 28 -18.64 9.79 -12.27
CA SER B 28 -19.35 8.57 -11.93
C SER B 28 -18.42 7.38 -12.02
N ILE B 29 -18.16 6.74 -10.88
CA ILE B 29 -17.60 5.39 -10.84
C ILE B 29 -18.78 4.48 -10.49
N LYS B 30 -19.18 3.65 -11.46
CA LYS B 30 -20.50 3.02 -11.41
C LYS B 30 -20.71 2.26 -10.10
N SER B 31 -19.93 1.20 -9.89
CA SER B 31 -19.92 0.50 -8.61
C SER B 31 -18.50 0.11 -8.24
N PHE B 32 -17.51 0.72 -8.89
CA PHE B 32 -16.12 0.28 -8.80
C PHE B 32 -15.38 1.12 -7.75
N LEU B 33 -15.77 0.90 -6.49
CA LEU B 33 -15.09 1.50 -5.36
C LEU B 33 -14.65 0.40 -4.40
N ALA B 34 -13.44 0.56 -3.85
CA ALA B 34 -12.91 -0.34 -2.86
C ALA B 34 -12.53 0.45 -1.61
N TRP B 35 -12.56 -0.22 -0.46
CA TRP B 35 -12.19 0.38 0.81
C TRP B 35 -11.04 -0.40 1.42
N TYR B 36 -10.00 0.32 1.86
CA TYR B 36 -8.84 -0.29 2.50
C TYR B 36 -8.65 0.26 3.91
N ARG B 37 -8.14 -0.60 4.78
CA ARG B 37 -7.72 -0.22 6.13
C ARG B 37 -6.20 -0.27 6.20
N GLN B 38 -5.60 0.77 6.78
CA GLN B 38 -4.14 0.80 6.98
C GLN B 38 -3.85 1.08 8.45
N LYS B 39 -3.62 0.02 9.21
CA LYS B 39 -3.14 0.20 10.58
C LYS B 39 -1.72 0.73 10.57
N PRO B 40 -1.31 1.47 11.61
CA PRO B 40 -0.02 2.16 11.55
C PRO B 40 1.15 1.22 11.28
N GLY B 41 2.03 1.65 10.38
CA GLY B 41 3.23 0.91 10.05
C GLY B 41 3.02 -0.29 9.16
N GLN B 42 1.83 -0.50 8.63
CA GLN B 42 1.51 -1.68 7.85
C GLN B 42 0.98 -1.31 6.47
N ALA B 43 0.98 -2.30 5.58
CA ALA B 43 0.40 -2.14 4.27
C ALA B 43 -1.12 -2.16 4.36
N PRO B 44 -1.81 -1.43 3.49
CA PRO B 44 -3.28 -1.40 3.55
C PRO B 44 -3.86 -2.78 3.28
N ARG B 45 -5.00 -3.04 3.90
CA ARG B 45 -5.73 -4.30 3.72
C ARG B 45 -7.10 -3.99 3.14
N LEU B 46 -7.46 -4.70 2.07
CA LEU B 46 -8.74 -4.47 1.41
C LEU B 46 -9.89 -4.99 2.25
N LEU B 47 -10.94 -4.19 2.37
CA LEU B 47 -12.10 -4.53 3.20
C LEU B 47 -13.38 -4.68 2.38
N ILE B 48 -13.65 -3.74 1.48
CA ILE B 48 -14.82 -3.80 0.61
C ILE B 48 -14.33 -3.64 -0.82
N TYR B 49 -14.86 -4.47 -1.73
CA TYR B 49 -14.50 -4.38 -3.13
C TYR B 49 -15.75 -4.24 -3.98
N ASP B 50 -15.66 -3.44 -5.04
CA ASP B 50 -16.80 -3.10 -5.89
C ASP B 50 -17.97 -2.57 -5.06
N ALA B 51 -17.62 -1.80 -4.03
CA ALA B 51 -18.46 -0.86 -3.30
C ALA B 51 -19.48 -1.48 -2.35
N SER B 52 -19.72 -2.79 -2.46
CA SER B 52 -20.56 -3.45 -1.46
C SER B 52 -20.11 -4.86 -1.09
N ASN B 53 -19.27 -5.51 -1.87
CA ASN B 53 -18.93 -6.91 -1.64
C ASN B 53 -17.72 -7.03 -0.72
N ARG B 54 -17.61 -8.18 -0.08
CA ARG B 54 -16.71 -8.37 1.06
C ARG B 54 -15.80 -9.56 0.82
N PRO B 55 -14.50 -9.36 0.64
CA PRO B 55 -13.60 -10.49 0.37
C PRO B 55 -13.58 -11.48 1.52
N THR B 56 -13.26 -12.73 1.19
CA THR B 56 -13.28 -13.80 2.18
C THR B 56 -12.33 -13.49 3.33
N GLY B 57 -12.82 -13.61 4.55
CA GLY B 57 -12.04 -13.37 5.75
C GLY B 57 -12.30 -12.03 6.42
N ILE B 58 -12.89 -11.07 5.70
CA ILE B 58 -13.26 -9.79 6.29
C ILE B 58 -14.56 -9.98 7.07
N PRO B 59 -14.60 -9.62 8.35
CA PRO B 59 -15.80 -9.90 9.16
C PRO B 59 -17.04 -9.19 8.62
N ALA B 60 -18.20 -9.71 9.03
CA ALA B 60 -19.48 -9.17 8.56
C ALA B 60 -19.80 -7.80 9.16
N ARG B 61 -19.03 -7.34 10.16
CA ARG B 61 -19.27 -6.03 10.74
C ARG B 61 -18.81 -4.88 9.84
N PHE B 62 -18.13 -5.19 8.73
CA PHE B 62 -17.79 -4.19 7.72
C PHE B 62 -18.76 -4.32 6.56
N SER B 63 -19.25 -3.17 6.08
CA SER B 63 -20.11 -3.17 4.90
C SER B 63 -19.96 -1.85 4.18
N GLY B 64 -20.23 -1.89 2.87
CA GLY B 64 -20.22 -0.69 2.06
C GLY B 64 -21.45 -0.64 1.17
N SER B 65 -21.77 0.57 0.73
CA SER B 65 -22.91 0.78 -0.15
C SER B 65 -22.67 2.06 -0.94
N GLY B 66 -23.47 2.25 -1.99
CA GLY B 66 -23.39 3.44 -2.79
C GLY B 66 -23.14 3.17 -4.26
N SER B 67 -23.43 4.16 -5.10
CA SER B 67 -23.21 4.06 -6.53
C SER B 67 -23.03 5.47 -7.09
N GLY B 68 -22.48 5.54 -8.30
CA GLY B 68 -22.26 6.82 -8.93
C GLY B 68 -21.11 7.59 -8.31
N THR B 69 -21.42 8.64 -7.56
CA THR B 69 -20.40 9.51 -7.00
C THR B 69 -20.31 9.46 -5.48
N ASP B 70 -21.26 8.83 -4.79
CA ASP B 70 -21.29 8.83 -3.33
C ASP B 70 -21.38 7.41 -2.80
N PHE B 71 -20.35 6.99 -2.06
CA PHE B 71 -20.32 5.70 -1.38
C PHE B 71 -19.97 5.92 0.08
N THR B 72 -20.33 4.95 0.93
CA THR B 72 -20.05 5.03 2.35
C THR B 72 -19.62 3.67 2.89
N LEU B 73 -18.64 3.70 3.79
CA LEU B 73 -18.20 2.52 4.53
C LEU B 73 -18.76 2.58 5.94
N THR B 74 -19.22 1.44 6.44
CA THR B 74 -19.83 1.35 7.76
C THR B 74 -19.15 0.27 8.58
N ILE B 75 -18.73 0.60 9.79
CA ILE B 75 -18.13 -0.34 10.72
C ILE B 75 -19.06 -0.46 11.92
N ASN B 76 -19.67 -1.63 12.08
CA ASN B 76 -20.53 -1.89 13.23
C ASN B 76 -19.69 -2.38 14.41
N SER B 77 -19.98 -1.83 15.59
CA SER B 77 -19.34 -2.26 16.83
C SER B 77 -17.82 -2.15 16.75
N LEU B 78 -17.38 -0.89 16.69
CA LEU B 78 -15.95 -0.58 16.63
C LEU B 78 -15.19 -1.28 17.74
N GLU B 79 -14.01 -1.77 17.40
CA GLU B 79 -13.03 -2.24 18.37
C GLU B 79 -11.91 -1.22 18.48
N SER B 80 -11.15 -1.29 19.57
CA SER B 80 -9.96 -0.47 19.69
C SER B 80 -8.95 -0.83 18.60
N GLU B 81 -8.95 -2.10 18.16
CA GLU B 81 -8.10 -2.54 17.07
C GLU B 81 -8.48 -1.93 15.74
N ASP B 82 -9.67 -1.33 15.63
CA ASP B 82 -10.10 -0.69 14.40
C ASP B 82 -9.48 0.69 14.22
N PHE B 83 -8.64 1.14 15.15
CA PHE B 83 -7.87 2.37 14.95
C PHE B 83 -6.98 2.23 13.72
N ALA B 84 -7.28 2.99 12.67
CA ALA B 84 -6.49 2.99 11.45
C ALA B 84 -6.96 4.15 10.58
N VAL B 85 -6.40 4.23 9.38
CA VAL B 85 -6.85 5.15 8.35
C VAL B 85 -7.48 4.33 7.24
N TYR B 86 -8.67 4.74 6.79
CA TYR B 86 -9.41 4.00 5.79
C TYR B 86 -9.47 4.81 4.50
N PHE B 87 -9.06 4.19 3.39
CA PHE B 87 -9.01 4.82 2.08
C PHE B 87 -10.03 4.19 1.15
N CYS B 88 -10.56 4.99 0.23
CA CYS B 88 -11.39 4.48 -0.85
C CYS B 88 -10.60 4.57 -2.16
N GLN B 89 -10.92 3.67 -3.08
CA GLN B 89 -10.22 3.59 -4.36
C GLN B 89 -11.20 3.29 -5.48
N GLN B 90 -11.12 4.06 -6.56
CA GLN B 90 -11.89 3.81 -7.76
C GLN B 90 -11.07 3.02 -8.76
N ARG B 91 -11.70 2.08 -9.45
CA ARG B 91 -11.07 1.34 -10.53
C ARG B 91 -11.83 1.49 -11.84
N ASN B 92 -12.66 2.53 -11.96
CA ASN B 92 -13.47 2.71 -13.15
C ASN B 92 -12.63 3.15 -14.35
N ASN B 93 -11.73 4.10 -14.14
CA ASN B 93 -10.86 4.60 -15.20
C ASN B 93 -9.41 4.59 -14.73
N TRP B 94 -8.54 4.01 -15.54
CA TRP B 94 -7.11 4.11 -15.30
C TRP B 94 -6.65 5.56 -15.51
N PRO B 95 -5.81 6.12 -14.62
CA PRO B 95 -5.22 5.43 -13.46
C PRO B 95 -6.17 5.26 -12.29
N PHE B 96 -6.08 4.11 -11.63
CA PHE B 96 -6.83 3.91 -10.40
C PHE B 96 -6.30 4.86 -9.34
N THR B 97 -7.21 5.48 -8.58
CA THR B 97 -6.86 6.55 -7.67
C THR B 97 -7.46 6.32 -6.30
N PHE B 98 -6.79 6.83 -5.28
CA PHE B 98 -7.20 6.69 -3.89
C PHE B 98 -7.81 7.99 -3.37
N GLY B 99 -8.38 7.90 -2.18
CA GLY B 99 -8.81 9.06 -1.44
C GLY B 99 -7.75 9.51 -0.46
N PRO B 100 -7.91 10.71 0.10
CA PRO B 100 -6.91 11.21 1.06
C PRO B 100 -6.90 10.45 2.38
N GLY B 101 -7.91 9.64 2.66
CA GLY B 101 -7.93 8.83 3.86
C GLY B 101 -8.68 9.46 5.02
N THR B 102 -9.45 8.65 5.74
CA THR B 102 -10.15 9.08 6.94
C THR B 102 -9.57 8.31 8.13
N LYS B 103 -9.08 9.04 9.13
CA LYS B 103 -8.46 8.42 10.29
C LYS B 103 -9.50 8.26 11.39
N VAL B 104 -9.62 7.04 11.91
CA VAL B 104 -10.59 6.72 12.95
C VAL B 104 -9.82 6.60 14.26
N ASP B 105 -9.99 7.58 15.14
CA ASP B 105 -9.39 7.55 16.47
C ASP B 105 -10.40 7.01 17.47
N ILE B 106 -9.92 6.25 18.45
CA ILE B 106 -10.77 5.52 19.38
C ILE B 106 -10.86 6.30 20.68
N LYS B 107 -12.08 6.61 21.10
CA LYS B 107 -12.29 7.36 22.33
C LYS B 107 -12.01 6.49 23.54
N ARG B 108 -11.44 7.10 24.58
CA ARG B 108 -11.07 6.38 25.79
C ARG B 108 -11.28 7.30 26.98
N THR B 109 -11.44 6.70 28.16
CA THR B 109 -11.41 7.50 29.38
C THR B 109 -10.00 8.01 29.64
N VAL B 110 -9.91 9.09 30.41
CA VAL B 110 -8.60 9.67 30.73
C VAL B 110 -7.75 8.67 31.50
N ALA B 111 -6.46 8.62 31.17
CA ALA B 111 -5.52 7.70 31.79
C ALA B 111 -4.22 8.43 32.09
N ALA B 112 -3.75 8.32 33.33
CA ALA B 112 -2.58 9.09 33.74
C ALA B 112 -1.30 8.45 33.20
N PRO B 113 -0.30 9.25 32.84
CA PRO B 113 0.96 8.70 32.34
C PRO B 113 1.84 8.16 33.46
N SER B 114 2.68 7.20 33.08
CA SER B 114 3.75 6.70 33.94
C SER B 114 5.06 7.34 33.49
N VAL B 115 5.72 8.06 34.40
CA VAL B 115 6.84 8.91 34.07
C VAL B 115 8.15 8.23 34.45
N PHE B 116 9.04 8.09 33.47
CA PHE B 116 10.37 7.53 33.69
C PHE B 116 11.41 8.51 33.15
N ILE B 117 12.63 8.43 33.69
CA ILE B 117 13.72 9.29 33.28
C ILE B 117 14.97 8.45 33.08
N PHE B 118 15.79 8.82 32.10
CA PHE B 118 16.97 8.05 31.71
C PHE B 118 18.20 8.95 31.67
N PRO B 119 19.23 8.66 32.46
CA PRO B 119 20.49 9.39 32.36
C PRO B 119 21.18 9.13 31.03
N PRO B 120 22.07 10.01 30.59
CA PRO B 120 22.87 9.71 29.41
C PRO B 120 23.85 8.58 29.73
N SER B 121 24.06 7.71 28.74
CA SER B 121 24.95 6.58 28.95
C SER B 121 26.40 7.05 28.98
N ASP B 122 27.25 6.23 29.61
CA ASP B 122 28.68 6.51 29.58
C ASP B 122 29.22 6.44 28.16
N GLU B 123 28.69 5.52 27.36
CA GLU B 123 29.15 5.38 25.97
C GLU B 123 28.84 6.63 25.16
N GLN B 124 27.79 7.38 25.52
CA GLN B 124 27.45 8.58 24.78
C GLN B 124 28.26 9.79 25.24
N LEU B 125 28.53 9.89 26.55
CA LEU B 125 29.31 11.02 27.04
C LEU B 125 30.68 11.07 26.39
N LYS B 126 31.23 9.93 26.01
CA LYS B 126 32.50 9.89 25.30
C LYS B 126 32.38 10.46 23.88
N SER B 127 31.15 10.60 23.36
CA SER B 127 30.97 11.23 22.05
C SER B 127 31.12 12.74 22.14
N GLY B 128 30.87 13.33 23.31
CA GLY B 128 30.86 14.77 23.46
C GLY B 128 29.48 15.39 23.42
N THR B 129 28.42 14.60 23.50
CA THR B 129 27.06 15.09 23.56
C THR B 129 26.30 14.34 24.65
N ALA B 130 25.25 14.97 25.17
CA ALA B 130 24.44 14.39 26.25
C ALA B 130 22.98 14.44 25.85
N SER B 131 22.31 13.29 25.96
CA SER B 131 20.88 13.17 25.69
C SER B 131 20.21 12.53 26.90
N VAL B 132 19.41 13.31 27.61
CA VAL B 132 18.61 12.81 28.73
C VAL B 132 17.18 12.68 28.27
N VAL B 133 16.61 11.48 28.45
CA VAL B 133 15.32 11.14 27.89
C VAL B 133 14.30 11.00 29.00
N CYS B 134 13.05 11.39 28.69
CA CYS B 134 11.93 11.28 29.61
C CYS B 134 10.81 10.55 28.88
N LEU B 135 10.20 9.57 29.56
CA LEU B 135 9.19 8.72 28.96
C LEU B 135 7.86 8.90 29.70
N LEU B 136 6.79 9.13 28.94
CA LEU B 136 5.43 9.19 29.47
C LEU B 136 4.67 8.02 28.86
N ASN B 137 4.42 6.98 29.66
CA ASN B 137 3.98 5.70 29.14
C ASN B 137 2.47 5.52 29.34
N ASN B 138 1.79 5.15 28.25
CA ASN B 138 0.43 4.62 28.29
C ASN B 138 -0.54 5.57 28.99
N PHE B 139 -0.71 6.74 28.36
CA PHE B 139 -1.61 7.76 28.86
C PHE B 139 -2.68 8.09 27.81
N TYR B 140 -3.63 8.92 28.24
CA TYR B 140 -4.70 9.44 27.40
C TYR B 140 -5.36 10.58 28.16
N PRO B 141 -5.69 11.71 27.50
CA PRO B 141 -5.59 11.95 26.06
C PRO B 141 -4.17 12.27 25.57
N ARG B 142 -4.09 12.64 24.30
CA ARG B 142 -2.80 12.83 23.64
C ARG B 142 -2.01 13.98 24.25
N GLU B 143 -2.70 15.08 24.57
CA GLU B 143 -2.00 16.30 24.97
C GLU B 143 -1.32 16.13 26.32
N ALA B 144 -0.06 16.56 26.39
CA ALA B 144 0.71 16.55 27.63
C ALA B 144 1.72 17.68 27.56
N LYS B 145 2.28 18.02 28.73
CA LYS B 145 3.24 19.12 28.83
C LYS B 145 4.49 18.61 29.56
N VAL B 146 5.54 18.34 28.79
CA VAL B 146 6.83 17.94 29.35
C VAL B 146 7.66 19.20 29.56
N GLN B 147 7.97 19.50 30.82
CA GLN B 147 8.83 20.62 31.18
C GLN B 147 10.15 20.08 31.69
N TRP B 148 11.24 20.52 31.08
CA TRP B 148 12.58 20.09 31.47
C TRP B 148 13.17 21.10 32.44
N LYS B 149 13.78 20.61 33.52
CA LYS B 149 14.36 21.46 34.54
C LYS B 149 15.74 20.94 34.90
N VAL B 150 16.76 21.79 34.72
CA VAL B 150 18.08 21.52 35.24
C VAL B 150 18.37 22.54 36.33
N ASP B 151 18.66 22.05 37.53
CA ASP B 151 18.86 22.91 38.70
C ASP B 151 17.76 23.95 38.81
N ASN B 152 16.52 23.51 38.57
CA ASN B 152 15.33 24.37 38.54
C ASN B 152 15.48 25.52 37.54
N ALA B 153 15.90 25.17 36.32
CA ALA B 153 15.85 26.09 35.18
C ALA B 153 14.89 25.54 34.14
N LEU B 154 14.06 26.41 33.57
CA LEU B 154 13.09 25.97 32.56
C LEU B 154 13.77 25.94 31.21
N GLN B 155 13.94 24.74 30.66
CA GLN B 155 14.64 24.55 29.41
C GLN B 155 13.78 24.93 28.21
N SER B 156 14.44 25.38 27.15
CA SER B 156 13.75 25.84 25.95
C SER B 156 14.64 25.64 24.74
N GLY B 157 14.09 25.03 23.69
CA GLY B 157 14.77 24.92 22.42
C GLY B 157 15.86 23.87 22.33
N ASN B 158 15.99 23.00 23.32
CA ASN B 158 17.01 21.96 23.30
C ASN B 158 16.40 20.59 23.56
N SER B 159 15.12 20.42 23.23
CA SER B 159 14.42 19.16 23.49
C SER B 159 13.38 18.94 22.40
N GLN B 160 13.26 17.69 21.96
CA GLN B 160 12.28 17.28 20.97
C GLN B 160 11.45 16.13 21.50
N GLU B 161 10.24 16.00 20.96
CA GLU B 161 9.30 14.99 21.42
C GLU B 161 8.88 14.09 20.27
N SER B 162 8.53 12.85 20.62
CA SER B 162 7.93 11.91 19.68
C SER B 162 6.77 11.21 20.37
N VAL B 163 5.68 11.01 19.63
CA VAL B 163 4.46 10.41 20.16
C VAL B 163 4.09 9.20 19.32
N THR B 164 3.81 8.09 19.98
CA THR B 164 3.35 6.90 19.28
C THR B 164 1.92 7.10 18.78
N GLU B 165 1.53 6.26 17.83
CA GLU B 165 0.14 6.23 17.42
C GLU B 165 -0.72 5.63 18.53
N GLN B 166 -2.03 5.74 18.36
CA GLN B 166 -2.95 5.21 19.36
C GLN B 166 -2.85 3.69 19.40
N ASP B 167 -2.75 3.13 20.60
CA ASP B 167 -2.53 1.70 20.77
C ASP B 167 -3.75 0.91 20.30
N SER B 168 -3.48 -0.23 19.67
CA SER B 168 -4.57 -1.05 19.14
C SER B 168 -5.39 -1.70 20.26
N LYS B 169 -4.78 -1.98 21.41
CA LYS B 169 -5.46 -2.70 22.47
C LYS B 169 -6.13 -1.76 23.48
N ASP B 170 -5.34 -0.89 24.12
CA ASP B 170 -5.87 -0.01 25.16
C ASP B 170 -6.07 1.43 24.71
N SER B 171 -5.81 1.73 23.44
CA SER B 171 -6.12 3.04 22.83
C SER B 171 -5.36 4.19 23.50
N THR B 172 -4.18 3.91 24.07
CA THR B 172 -3.40 4.92 24.76
C THR B 172 -2.20 5.38 23.92
N TYR B 173 -1.64 6.52 24.32
CA TYR B 173 -0.46 7.09 23.69
C TYR B 173 0.75 6.94 24.60
N SER B 174 1.93 7.08 24.00
CA SER B 174 3.19 7.14 24.74
C SER B 174 4.07 8.22 24.11
N LEU B 175 4.82 8.91 24.95
CA LEU B 175 5.58 10.07 24.53
C LEU B 175 6.98 10.03 25.13
N SER B 176 7.97 10.47 24.35
CA SER B 176 9.34 10.58 24.80
C SER B 176 9.86 11.97 24.47
N SER B 177 10.46 12.64 25.45
CA SER B 177 11.10 13.94 25.26
C SER B 177 12.59 13.76 25.45
N THR B 178 13.37 14.13 24.44
CA THR B 178 14.82 13.93 24.43
C THR B 178 15.50 15.29 24.56
N LEU B 179 16.16 15.52 25.69
CA LEU B 179 16.85 16.77 25.95
C LEU B 179 18.32 16.61 25.54
N THR B 180 18.68 17.21 24.42
CA THR B 180 20.03 17.10 23.87
C THR B 180 20.86 18.30 24.30
N LEU B 181 22.08 18.03 24.77
CA LEU B 181 23.00 19.06 25.22
C LEU B 181 24.40 18.72 24.72
N SER B 182 25.36 19.54 25.10
CA SER B 182 26.77 19.22 24.92
C SER B 182 27.32 18.65 26.22
N LYS B 183 28.44 17.94 26.10
CA LYS B 183 29.02 17.29 27.28
C LYS B 183 29.44 18.32 28.32
N ALA B 184 29.98 19.46 27.88
CA ALA B 184 30.41 20.51 28.81
C ALA B 184 29.22 21.08 29.57
N ASP B 185 28.13 21.40 28.86
CA ASP B 185 26.95 21.93 29.53
C ASP B 185 26.36 20.92 30.50
N TYR B 186 26.37 19.63 30.13
CA TYR B 186 25.83 18.60 31.01
C TYR B 186 26.65 18.49 32.30
N GLU B 187 27.97 18.61 32.19
CA GLU B 187 28.83 18.37 33.35
C GLU B 187 28.80 19.51 34.36
N LYS B 188 28.31 20.69 33.98
CA LYS B 188 28.36 21.86 34.85
C LYS B 188 27.10 22.03 35.70
N HIS B 189 26.18 21.07 35.66
CA HIS B 189 24.99 21.07 36.49
C HIS B 189 24.80 19.66 37.07
N LYS B 190 24.02 19.58 38.14
CA LYS B 190 23.87 18.31 38.85
C LYS B 190 22.46 17.73 38.83
N VAL B 191 21.43 18.55 39.05
CA VAL B 191 20.06 18.06 39.16
C VAL B 191 19.38 18.17 37.81
N TYR B 192 18.85 17.05 37.32
CA TYR B 192 18.11 16.99 36.06
C TYR B 192 16.74 16.39 36.36
N ALA B 193 15.69 17.15 36.09
CA ALA B 193 14.34 16.71 36.40
C ALA B 193 13.46 16.81 35.16
N CYS B 194 12.42 15.99 35.14
CA CYS B 194 11.39 16.02 34.09
C CYS B 194 10.04 16.19 34.77
N GLU B 195 9.33 17.26 34.43
CA GLU B 195 8.05 17.59 35.04
C GLU B 195 6.96 17.39 34.01
N VAL B 196 5.95 16.59 34.36
CA VAL B 196 4.88 16.21 33.45
C VAL B 196 3.57 16.76 33.99
N THR B 197 2.90 17.56 33.18
CA THR B 197 1.58 18.12 33.50
C THR B 197 0.58 17.51 32.54
N HIS B 198 -0.28 16.63 33.05
CA HIS B 198 -1.24 15.91 32.22
C HIS B 198 -2.61 15.98 32.86
N GLN B 199 -3.63 15.73 32.04
CA GLN B 199 -5.02 15.82 32.48
C GLN B 199 -5.37 14.73 33.48
N GLY B 200 -4.74 13.57 33.38
CA GLY B 200 -4.97 12.48 34.31
C GLY B 200 -4.24 12.59 35.63
N LEU B 201 -3.45 13.64 35.81
CA LEU B 201 -2.69 13.86 37.04
C LEU B 201 -3.36 14.96 37.86
N SER B 202 -3.61 14.68 39.15
CA SER B 202 -4.15 15.71 40.03
C SER B 202 -3.20 16.88 40.18
N SER B 203 -1.90 16.63 40.03
CA SER B 203 -0.88 17.66 40.05
C SER B 203 0.32 17.16 39.26
N PRO B 204 1.16 18.07 38.77
CA PRO B 204 2.30 17.64 37.94
C PRO B 204 3.23 16.68 38.69
N VAL B 205 3.78 15.73 37.95
CA VAL B 205 4.64 14.68 38.48
C VAL B 205 6.06 14.89 37.95
N THR B 206 7.04 14.78 38.84
CA THR B 206 8.44 14.99 38.50
C THR B 206 9.25 13.74 38.80
N LYS B 207 10.08 13.34 37.83
CA LYS B 207 11.09 12.31 38.02
C LYS B 207 12.45 12.92 37.69
N SER B 208 13.48 12.52 38.44
CA SER B 208 14.77 13.21 38.34
C SER B 208 15.90 12.26 38.71
N PHE B 209 17.12 12.75 38.50
CA PHE B 209 18.32 12.07 38.97
C PHE B 209 19.41 13.09 39.21
N ASN B 210 20.44 12.68 39.94
CA ASN B 210 21.62 13.50 40.19
C ASN B 210 22.77 13.02 39.33
N ARG B 211 23.49 13.97 38.73
CA ARG B 211 24.49 13.64 37.71
C ARG B 211 25.58 12.74 38.28
N GLY B 212 26.05 13.03 39.48
CA GLY B 212 27.13 12.26 40.06
C GLY B 212 26.73 10.91 40.63
N GLU B 213 25.43 10.68 40.84
CA GLU B 213 24.97 9.47 41.51
C GLU B 213 24.63 8.34 40.55
N CYS B 214 24.68 8.56 39.25
CA CYS B 214 24.46 7.45 38.32
C CYS B 214 25.79 6.86 37.88
N GLY C 1 -7.84 -5.26 -49.68
CA GLY C 1 -6.96 -6.39 -49.47
C GLY C 1 -7.14 -7.06 -48.11
N VAL C 2 -6.81 -8.35 -48.05
CA VAL C 2 -6.94 -9.14 -46.83
C VAL C 2 -5.55 -9.30 -46.21
N PHE C 3 -5.45 -9.01 -44.91
CA PHE C 3 -4.20 -9.12 -44.17
C PHE C 3 -4.43 -9.97 -42.94
N ASN C 4 -3.61 -11.00 -42.77
CA ASN C 4 -3.84 -12.09 -41.83
C ASN C 4 -2.95 -11.94 -40.61
N TYR C 5 -3.54 -12.04 -39.42
CA TYR C 5 -2.80 -11.93 -38.17
C TYR C 5 -3.13 -13.09 -37.25
N GLU C 6 -2.12 -13.59 -36.55
CA GLU C 6 -2.27 -14.75 -35.67
C GLU C 6 -1.50 -14.51 -34.37
N THR C 7 -2.05 -15.03 -33.27
CA THR C 7 -1.40 -14.95 -31.97
C THR C 7 -1.95 -16.06 -31.07
N GLU C 8 -1.09 -16.61 -30.22
CA GLU C 8 -1.43 -17.68 -29.30
C GLU C 8 -0.95 -17.32 -27.90
N THR C 9 -1.78 -17.61 -26.90
CA THR C 9 -1.40 -17.43 -25.50
C THR C 9 -2.03 -18.55 -24.69
N THR C 10 -1.77 -18.54 -23.38
CA THR C 10 -2.25 -19.57 -22.48
C THR C 10 -2.99 -18.94 -21.30
N SER C 11 -3.83 -19.76 -20.67
CA SER C 11 -4.52 -19.40 -19.45
C SER C 11 -4.50 -20.58 -18.50
N VAL C 12 -4.50 -20.28 -17.19
CA VAL C 12 -4.53 -21.34 -16.18
C VAL C 12 -5.93 -21.89 -15.96
N ILE C 13 -6.94 -21.36 -16.66
CA ILE C 13 -8.31 -21.79 -16.53
C ILE C 13 -8.59 -22.95 -17.48
N PRO C 14 -9.38 -23.94 -17.08
CA PRO C 14 -9.76 -25.01 -18.01
C PRO C 14 -10.53 -24.44 -19.20
N ALA C 15 -10.45 -25.16 -20.33
CA ALA C 15 -11.00 -24.65 -21.58
C ALA C 15 -12.50 -24.42 -21.49
N ALA C 16 -13.22 -25.37 -20.90
CA ALA C 16 -14.68 -25.23 -20.82
C ALA C 16 -15.07 -24.09 -19.90
N ARG C 17 -14.48 -24.03 -18.70
CA ARG C 17 -14.83 -22.98 -17.75
C ARG C 17 -14.45 -21.61 -18.28
N LEU C 18 -13.36 -21.51 -19.04
CA LEU C 18 -12.97 -20.23 -19.63
C LEU C 18 -13.91 -19.84 -20.77
N PHE C 19 -14.29 -20.82 -21.62
CA PHE C 19 -15.17 -20.53 -22.73
C PHE C 19 -16.54 -20.05 -22.25
N LYS C 20 -17.04 -20.65 -21.16
CA LYS C 20 -18.33 -20.23 -20.62
C LYS C 20 -18.29 -18.79 -20.13
N ALA C 21 -17.16 -18.37 -19.55
CA ALA C 21 -17.04 -17.03 -18.99
C ALA C 21 -16.51 -16.02 -20.01
N PHE C 22 -15.40 -16.34 -20.68
CA PHE C 22 -14.76 -15.38 -21.56
C PHE C 22 -15.51 -15.18 -22.86
N ILE C 23 -16.30 -16.15 -23.31
CA ILE C 23 -17.03 -16.06 -24.57
C ILE C 23 -18.53 -15.92 -24.35
N LEU C 24 -19.16 -16.92 -23.72
CA LEU C 24 -20.62 -16.95 -23.64
C LEU C 24 -21.16 -15.82 -22.78
N ASP C 25 -20.57 -15.61 -21.61
CA ASP C 25 -21.00 -14.56 -20.70
C ASP C 25 -20.09 -13.34 -20.75
N GLY C 26 -19.33 -13.17 -21.84
CA GLY C 26 -18.44 -12.04 -21.95
C GLY C 26 -19.17 -10.70 -21.96
N ASP C 27 -20.43 -10.70 -22.39
CA ASP C 27 -21.22 -9.47 -22.36
C ASP C 27 -21.38 -8.98 -20.92
N ASN C 28 -21.59 -9.90 -19.98
CA ASN C 28 -21.72 -9.53 -18.57
C ASN C 28 -20.37 -9.10 -17.99
N LEU C 29 -19.32 -9.89 -18.25
CA LEU C 29 -18.08 -9.74 -17.50
C LEU C 29 -17.24 -8.54 -17.93
N PHE C 30 -17.13 -8.31 -19.24
CA PHE C 30 -16.19 -7.30 -19.72
C PHE C 30 -16.42 -5.92 -19.10
N PRO C 31 -17.65 -5.40 -19.02
CA PRO C 31 -17.85 -4.15 -18.28
C PRO C 31 -17.64 -4.29 -16.77
N LYS C 32 -17.74 -5.50 -16.22
CA LYS C 32 -17.60 -5.72 -14.79
C LYS C 32 -16.15 -5.90 -14.36
N VAL C 33 -15.34 -6.58 -15.17
CA VAL C 33 -13.97 -6.93 -14.77
C VAL C 33 -12.97 -5.94 -15.35
N ALA C 34 -13.29 -5.34 -16.50
CA ALA C 34 -12.43 -4.35 -17.14
C ALA C 34 -13.24 -3.12 -17.52
N PRO C 35 -13.74 -2.38 -16.54
CA PRO C 35 -14.51 -1.15 -16.87
C PRO C 35 -13.64 -0.04 -17.43
N GLN C 36 -12.33 -0.06 -17.16
CA GLN C 36 -11.42 0.92 -17.74
C GLN C 36 -11.23 0.73 -19.23
N ALA C 37 -11.62 -0.43 -19.77
CA ALA C 37 -11.54 -0.70 -21.20
C ALA C 37 -12.91 -0.70 -21.87
N ILE C 38 -13.90 -1.34 -21.26
CA ILE C 38 -15.25 -1.46 -21.81
C ILE C 38 -16.23 -0.87 -20.79
N SER C 39 -17.09 0.05 -21.26
CA SER C 39 -18.13 0.57 -20.38
C SER C 39 -19.36 -0.34 -20.36
N SER C 40 -19.80 -0.77 -21.54
CA SER C 40 -20.98 -1.63 -21.62
C SER C 40 -20.90 -2.43 -22.90
N VAL C 41 -21.58 -3.57 -22.89
CA VAL C 41 -21.70 -4.43 -24.08
C VAL C 41 -23.20 -4.61 -24.29
N GLU C 42 -23.78 -3.78 -25.14
CA GLU C 42 -25.21 -3.83 -25.43
C GLU C 42 -25.47 -4.82 -26.55
N ASN C 43 -26.55 -5.59 -26.40
CA ASN C 43 -26.93 -6.60 -27.38
C ASN C 43 -28.07 -6.00 -28.21
N ILE C 44 -27.71 -5.25 -29.25
CA ILE C 44 -28.69 -4.48 -30.01
C ILE C 44 -29.76 -5.40 -30.59
N GLU C 45 -29.34 -6.32 -31.46
CA GLU C 45 -30.25 -7.20 -32.18
C GLU C 45 -29.74 -8.63 -32.06
N GLY C 46 -30.63 -9.55 -31.65
CA GLY C 46 -30.34 -10.96 -31.77
C GLY C 46 -30.55 -11.70 -30.46
N ASN C 47 -30.24 -12.99 -30.53
CA ASN C 47 -30.50 -13.97 -29.46
C ASN C 47 -29.19 -14.52 -28.90
N GLY C 48 -28.12 -13.73 -28.94
CA GLY C 48 -26.81 -14.17 -28.50
C GLY C 48 -26.06 -14.96 -29.56
N GLY C 49 -26.79 -15.81 -30.28
CA GLY C 49 -26.19 -16.69 -31.26
C GLY C 49 -25.89 -16.01 -32.58
N PRO C 50 -25.70 -16.82 -33.64
CA PRO C 50 -25.36 -16.25 -34.95
C PRO C 50 -26.40 -15.23 -35.42
N GLY C 51 -25.92 -14.18 -36.06
CA GLY C 51 -26.75 -13.07 -36.47
C GLY C 51 -26.85 -11.94 -35.47
N THR C 52 -26.42 -12.17 -34.23
CA THR C 52 -26.54 -11.17 -33.18
C THR C 52 -25.58 -10.01 -33.44
N ILE C 53 -26.03 -8.80 -33.11
CA ILE C 53 -25.25 -7.57 -33.29
C ILE C 53 -25.06 -6.92 -31.94
N LYS C 54 -23.84 -6.96 -31.41
CA LYS C 54 -23.51 -6.35 -30.15
C LYS C 54 -22.98 -4.94 -30.37
N LYS C 55 -23.28 -4.05 -29.42
CA LYS C 55 -22.69 -2.71 -29.37
C LYS C 55 -21.78 -2.65 -28.15
N ILE C 56 -20.48 -2.66 -28.39
CA ILE C 56 -19.50 -2.53 -27.31
C ILE C 56 -19.13 -1.05 -27.21
N SER C 57 -19.63 -0.40 -26.16
CA SER C 57 -19.34 1.01 -25.93
C SER C 57 -18.09 1.13 -25.04
N PHE C 58 -17.22 2.08 -25.41
CA PHE C 58 -15.95 2.30 -24.72
C PHE C 58 -16.02 3.57 -23.88
N PRO C 59 -15.22 3.66 -22.80
CA PRO C 59 -15.17 4.92 -22.06
C PRO C 59 -14.60 6.04 -22.92
N GLU C 60 -15.11 7.24 -22.70
CA GLU C 60 -14.53 8.40 -23.38
C GLU C 60 -13.12 8.63 -22.89
N GLY C 61 -12.22 8.94 -23.82
CA GLY C 61 -10.79 9.06 -23.55
C GLY C 61 -9.96 8.04 -24.30
N LEU C 62 -10.52 6.86 -24.57
CA LEU C 62 -9.89 5.93 -25.48
C LEU C 62 -9.99 6.46 -26.90
N PRO C 63 -9.13 5.97 -27.81
CA PRO C 63 -9.14 6.52 -29.18
C PRO C 63 -10.48 6.42 -29.87
N PHE C 64 -11.28 5.40 -29.58
CA PHE C 64 -12.55 5.17 -30.26
C PHE C 64 -13.69 5.17 -29.26
N LYS C 65 -14.87 5.58 -29.73
CA LYS C 65 -16.04 5.65 -28.85
C LYS C 65 -16.71 4.29 -28.69
N TYR C 66 -16.83 3.52 -29.78
CA TYR C 66 -17.58 2.27 -29.74
C TYR C 66 -17.24 1.47 -31.00
N VAL C 67 -17.69 0.21 -31.00
CA VAL C 67 -17.75 -0.61 -32.20
C VAL C 67 -19.04 -1.43 -32.13
N LYS C 68 -19.44 -1.97 -33.28
CA LYS C 68 -20.56 -2.89 -33.38
C LYS C 68 -20.08 -4.16 -34.04
N ASP C 69 -20.30 -5.29 -33.36
CA ASP C 69 -19.86 -6.59 -33.85
C ASP C 69 -21.05 -7.43 -34.25
N ARG C 70 -20.78 -8.47 -35.04
CA ARG C 70 -21.79 -9.42 -35.50
C ARG C 70 -21.32 -10.83 -35.19
N VAL C 71 -22.17 -11.60 -34.53
CA VAL C 71 -21.85 -12.98 -34.18
C VAL C 71 -22.06 -13.86 -35.41
N ASP C 72 -21.02 -14.61 -35.79
CA ASP C 72 -21.08 -15.48 -36.95
C ASP C 72 -21.18 -16.96 -36.59
N GLU C 73 -20.51 -17.39 -35.53
CA GLU C 73 -20.60 -18.79 -35.09
C GLU C 73 -20.26 -18.86 -33.60
N VAL C 74 -21.02 -19.69 -32.89
CA VAL C 74 -20.76 -19.97 -31.47
C VAL C 74 -20.77 -21.48 -31.33
N ASP C 75 -19.59 -22.10 -31.35
CA ASP C 75 -19.45 -23.55 -31.24
C ASP C 75 -19.36 -23.91 -29.76
N HIS C 76 -20.49 -24.31 -29.17
CA HIS C 76 -20.53 -24.65 -27.75
C HIS C 76 -19.77 -25.91 -27.41
N THR C 77 -19.41 -26.73 -28.41
CA THR C 77 -18.75 -28.01 -28.18
C THR C 77 -17.23 -27.93 -28.36
N ASN C 78 -16.77 -27.45 -29.51
CA ASN C 78 -15.34 -27.35 -29.77
C ASN C 78 -14.76 -26.00 -29.34
N PHE C 79 -15.58 -25.15 -28.72
CA PHE C 79 -15.10 -23.92 -28.07
C PHE C 79 -14.54 -22.94 -29.10
N LYS C 80 -15.34 -22.65 -30.12
CA LYS C 80 -14.99 -21.70 -31.17
C LYS C 80 -15.99 -20.56 -31.18
N TYR C 81 -15.52 -19.37 -31.55
CA TYR C 81 -16.38 -18.19 -31.60
C TYR C 81 -15.84 -17.26 -32.67
N ASN C 82 -16.45 -17.31 -33.86
CA ASN C 82 -16.08 -16.44 -34.97
C ASN C 82 -17.07 -15.28 -35.03
N TYR C 83 -16.54 -14.06 -34.99
CA TYR C 83 -17.34 -12.85 -35.02
C TYR C 83 -16.64 -11.82 -35.91
N SER C 84 -17.42 -10.85 -36.37
CA SER C 84 -16.92 -9.82 -37.28
C SER C 84 -17.23 -8.44 -36.73
N VAL C 85 -16.23 -7.57 -36.78
CA VAL C 85 -16.41 -6.15 -36.49
C VAL C 85 -16.86 -5.48 -37.79
N ILE C 86 -18.00 -4.79 -37.74
CA ILE C 86 -18.61 -4.26 -38.96
C ILE C 86 -18.82 -2.75 -38.92
N GLU C 87 -18.87 -2.11 -37.76
CA GLU C 87 -19.13 -0.68 -37.71
C GLU C 87 -18.46 -0.07 -36.49
N GLY C 88 -18.16 1.22 -36.58
CA GLY C 88 -17.53 1.94 -35.49
C GLY C 88 -16.04 1.70 -35.42
N GLY C 89 -15.40 2.46 -34.54
CA GLY C 89 -13.97 2.33 -34.30
C GLY C 89 -13.14 2.60 -35.53
N PRO C 90 -12.22 1.67 -35.85
CA PRO C 90 -11.33 1.87 -37.00
C PRO C 90 -12.01 1.69 -38.34
N ILE C 91 -13.26 1.23 -38.37
CA ILE C 91 -13.93 0.88 -39.61
C ILE C 91 -14.42 2.13 -40.31
N GLY C 92 -14.25 2.16 -41.63
CA GLY C 92 -14.62 3.33 -42.41
C GLY C 92 -14.17 3.24 -43.85
N ASP C 93 -13.52 4.29 -44.35
CA ASP C 93 -13.11 4.33 -45.75
C ASP C 93 -11.90 3.43 -46.00
N THR C 94 -10.96 3.39 -45.07
CA THR C 94 -9.71 2.65 -45.25
C THR C 94 -9.75 1.25 -44.64
N LEU C 95 -10.91 0.82 -44.13
CA LEU C 95 -11.04 -0.54 -43.60
C LEU C 95 -12.50 -0.95 -43.71
N GLU C 96 -12.76 -2.12 -44.33
CA GLU C 96 -14.12 -2.60 -44.46
C GLU C 96 -14.59 -3.28 -43.17
N LYS C 97 -13.92 -4.36 -42.78
CA LYS C 97 -14.33 -5.08 -41.58
C LYS C 97 -13.15 -5.84 -41.02
N ILE C 98 -13.29 -6.27 -39.77
CA ILE C 98 -12.32 -7.11 -39.09
C ILE C 98 -13.04 -8.39 -38.68
N SER C 99 -12.67 -9.51 -39.29
CA SER C 99 -13.22 -10.81 -38.96
C SER C 99 -12.28 -11.53 -38.01
N ASN C 100 -12.81 -11.99 -36.89
CA ASN C 100 -12.01 -12.60 -35.84
C ASN C 100 -12.56 -13.97 -35.49
N GLU C 101 -11.66 -14.95 -35.34
CA GLU C 101 -12.00 -16.26 -34.82
C GLU C 101 -11.14 -16.54 -33.58
N ILE C 102 -11.80 -16.89 -32.48
CA ILE C 102 -11.15 -17.25 -31.21
C ILE C 102 -11.49 -18.70 -30.91
N LYS C 103 -10.48 -19.54 -30.76
CA LYS C 103 -10.66 -20.92 -30.32
C LYS C 103 -9.93 -21.17 -29.02
N ILE C 104 -10.57 -21.91 -28.11
CA ILE C 104 -9.98 -22.29 -26.84
C ILE C 104 -9.85 -23.81 -26.81
N VAL C 105 -8.64 -24.30 -26.54
CA VAL C 105 -8.38 -25.72 -26.45
C VAL C 105 -7.73 -26.01 -25.10
N ALA C 106 -8.03 -27.19 -24.56
CA ALA C 106 -7.55 -27.55 -23.23
C ALA C 106 -6.13 -28.12 -23.31
N THR C 107 -5.31 -27.79 -22.30
CA THR C 107 -3.97 -28.32 -22.18
C THR C 107 -3.92 -29.44 -21.15
N PRO C 108 -2.99 -30.39 -21.29
CA PRO C 108 -2.94 -31.51 -20.33
C PRO C 108 -2.76 -31.09 -18.89
N ASP C 109 -2.06 -29.99 -18.62
CA ASP C 109 -1.81 -29.58 -17.24
C ASP C 109 -3.01 -28.92 -16.58
N GLY C 110 -4.18 -28.94 -17.22
CA GLY C 110 -5.38 -28.36 -16.65
C GLY C 110 -5.69 -26.96 -17.10
N GLY C 111 -4.84 -26.35 -17.91
CA GLY C 111 -5.03 -25.00 -18.42
C GLY C 111 -5.70 -24.99 -19.78
N SER C 112 -5.38 -23.97 -20.57
CA SER C 112 -6.01 -23.82 -21.87
C SER C 112 -5.13 -22.96 -22.77
N ILE C 113 -5.45 -22.98 -24.07
CA ILE C 113 -4.75 -22.23 -25.10
C ILE C 113 -5.78 -21.36 -25.82
N LEU C 114 -5.38 -20.15 -26.19
CA LEU C 114 -6.23 -19.26 -26.97
C LEU C 114 -5.57 -18.98 -28.30
N LYS C 115 -6.15 -19.52 -29.37
CA LYS C 115 -5.74 -19.20 -30.74
C LYS C 115 -6.61 -18.05 -31.24
N ILE C 116 -5.96 -16.95 -31.62
CA ILE C 116 -6.65 -15.70 -31.96
C ILE C 116 -6.21 -15.29 -33.35
N SER C 117 -7.11 -15.39 -34.32
CA SER C 117 -6.83 -15.03 -35.70
C SER C 117 -7.59 -13.76 -36.06
N ASN C 118 -6.90 -12.81 -36.69
CA ASN C 118 -7.48 -11.56 -37.14
C ASN C 118 -7.37 -11.48 -38.65
N LYS C 119 -8.47 -11.13 -39.30
CA LYS C 119 -8.55 -11.05 -40.77
C LYS C 119 -9.07 -9.67 -41.14
N TYR C 120 -8.16 -8.78 -41.55
CA TYR C 120 -8.48 -7.39 -41.84
C TYR C 120 -8.81 -7.23 -43.32
N HIS C 121 -10.06 -6.92 -43.61
CA HIS C 121 -10.49 -6.67 -44.99
C HIS C 121 -10.36 -5.18 -45.28
N THR C 122 -9.25 -4.78 -45.90
CA THR C 122 -9.03 -3.39 -46.24
C THR C 122 -9.70 -3.06 -47.57
N LYS C 123 -10.39 -1.94 -47.62
CA LYS C 123 -10.95 -1.46 -48.88
C LYS C 123 -9.82 -0.96 -49.77
N GLY C 124 -9.85 -1.33 -51.04
CA GLY C 124 -8.74 -0.98 -51.92
C GLY C 124 -7.51 -1.79 -51.54
N ASP C 125 -6.37 -1.10 -51.43
CA ASP C 125 -5.11 -1.75 -51.06
C ASP C 125 -4.37 -0.90 -50.03
N HIS C 126 -5.10 -0.44 -49.01
CA HIS C 126 -4.48 0.30 -47.93
C HIS C 126 -3.79 -0.65 -46.96
N GLU C 127 -2.76 -0.12 -46.29
CA GLU C 127 -2.02 -0.88 -45.29
C GLU C 127 -2.77 -0.81 -43.96
N VAL C 128 -2.27 -1.54 -42.96
CA VAL C 128 -2.80 -1.50 -41.60
C VAL C 128 -1.63 -1.18 -40.68
N LYS C 129 -1.65 0.02 -40.09
CA LYS C 129 -0.60 0.37 -39.15
C LYS C 129 -0.70 -0.50 -37.90
N ALA C 130 0.46 -0.83 -37.33
CA ALA C 130 0.50 -1.71 -36.17
C ALA C 130 -0.26 -1.13 -34.98
N GLU C 131 -0.49 0.19 -34.96
CA GLU C 131 -1.23 0.79 -33.86
C GLU C 131 -2.61 0.18 -33.71
N GLN C 132 -3.29 -0.07 -34.82
CA GLN C 132 -4.57 -0.76 -34.74
C GLN C 132 -4.36 -2.21 -34.28
N VAL C 133 -3.33 -2.90 -34.81
CA VAL C 133 -3.05 -4.27 -34.37
C VAL C 133 -2.56 -4.28 -32.93
N LYS C 134 -1.67 -3.35 -32.57
CA LYS C 134 -1.20 -3.28 -31.19
C LYS C 134 -2.35 -3.01 -30.23
N ALA C 135 -3.30 -2.16 -30.64
CA ALA C 135 -4.46 -1.87 -29.80
C ALA C 135 -5.35 -3.10 -29.61
N SER C 136 -5.44 -3.95 -30.64
CA SER C 136 -6.26 -5.16 -30.52
C SER C 136 -5.57 -6.19 -29.65
N LYS C 137 -4.25 -6.36 -29.79
CA LYS C 137 -3.53 -7.32 -28.96
C LYS C 137 -3.58 -6.91 -27.49
N GLU C 138 -3.42 -5.61 -27.21
CA GLU C 138 -3.52 -5.14 -25.83
C GLU C 138 -4.93 -5.31 -25.30
N MET C 139 -5.94 -5.07 -26.14
CA MET C 139 -7.33 -5.23 -25.72
C MET C 139 -7.63 -6.69 -25.40
N GLY C 140 -7.13 -7.62 -26.22
CA GLY C 140 -7.34 -9.03 -25.94
C GLY C 140 -6.65 -9.49 -24.68
N GLU C 141 -5.41 -9.03 -24.47
CA GLU C 141 -4.69 -9.36 -23.24
C GLU C 141 -5.41 -8.80 -22.01
N THR C 142 -5.90 -7.56 -22.10
CA THR C 142 -6.57 -6.94 -20.96
C THR C 142 -7.82 -7.69 -20.57
N LEU C 143 -8.68 -8.02 -21.55
CA LEU C 143 -9.92 -8.69 -21.23
C LEU C 143 -9.69 -10.13 -20.78
N LEU C 144 -8.73 -10.82 -21.40
CA LEU C 144 -8.45 -12.20 -21.04
C LEU C 144 -7.98 -12.29 -19.59
N ARG C 145 -7.04 -11.43 -19.19
CA ARG C 145 -6.50 -11.51 -17.84
C ARG C 145 -7.48 -10.97 -16.82
N ALA C 146 -8.38 -10.06 -17.22
CA ALA C 146 -9.40 -9.58 -16.30
C ALA C 146 -10.41 -10.67 -15.97
N VAL C 147 -10.91 -11.37 -16.98
CA VAL C 147 -11.79 -12.51 -16.74
C VAL C 147 -11.03 -13.62 -16.02
N GLU C 148 -9.78 -13.86 -16.43
CA GLU C 148 -8.95 -14.84 -15.75
C GLU C 148 -8.82 -14.50 -14.27
N SER C 149 -8.46 -13.24 -13.97
CA SER C 149 -8.33 -12.84 -12.58
C SER C 149 -9.66 -12.93 -11.84
N TYR C 150 -10.78 -12.71 -12.55
CA TYR C 150 -12.09 -12.88 -11.93
C TYR C 150 -12.35 -14.35 -11.61
N LEU C 151 -12.01 -15.26 -12.54
CA LEU C 151 -12.22 -16.68 -12.30
C LEU C 151 -11.28 -17.23 -11.23
N LEU C 152 -10.10 -16.62 -11.03
CA LEU C 152 -9.24 -17.01 -9.92
C LEU C 152 -9.72 -16.43 -8.60
N ALA C 153 -10.30 -15.24 -8.61
CA ALA C 153 -10.80 -14.64 -7.37
C ALA C 153 -12.08 -15.30 -6.90
N HIS C 154 -12.86 -15.87 -7.82
CA HIS C 154 -14.11 -16.57 -7.50
C HIS C 154 -14.03 -17.95 -8.12
N SER C 155 -13.50 -18.92 -7.38
CA SER C 155 -13.40 -20.29 -7.87
C SER C 155 -14.76 -20.96 -8.01
N ASP C 156 -15.81 -20.37 -7.47
CA ASP C 156 -17.16 -20.90 -7.65
C ASP C 156 -17.70 -20.59 -9.04
N ALA C 157 -17.39 -19.40 -9.56
CA ALA C 157 -18.06 -18.86 -10.74
C ALA C 157 -17.85 -19.77 -11.95
N TYR C 158 -18.93 -20.03 -12.67
CA TYR C 158 -18.91 -20.81 -13.91
C TYR C 158 -18.44 -22.24 -13.67
N ASN C 159 -18.78 -22.77 -12.50
CA ASN C 159 -18.54 -24.18 -12.14
C ASN C 159 -17.05 -24.52 -12.16
S SO4 D . -4.62 -5.66 8.94
O1 SO4 D . -5.07 -7.05 8.94
O2 SO4 D . -5.78 -4.78 8.80
O3 SO4 D . -3.94 -5.37 10.20
O4 SO4 D . -3.70 -5.44 7.83
C1 NAG E . -14.48 -16.39 -39.63
C2 NAG E . -13.59 -17.25 -40.54
C3 NAG E . -13.11 -16.42 -41.73
C4 NAG E . -14.29 -15.76 -42.45
C5 NAG E . -15.12 -14.98 -41.46
C6 NAG E . -16.36 -14.37 -42.08
C7 NAG E . -12.37 -19.10 -39.49
C8 NAG E . -11.12 -19.50 -38.76
N2 NAG E . -12.47 -17.81 -39.81
O3 NAG E . -12.39 -17.26 -42.63
O4 NAG E . -13.80 -14.89 -43.47
O5 NAG E . -15.56 -15.82 -40.39
O6 NAG E . -16.67 -13.11 -41.49
O7 NAG E . -13.24 -19.90 -39.77
#